data_6LB4
#
_entry.id   6LB4
#
_cell.length_a   66.298
_cell.length_b   66.298
_cell.length_c   109.669
_cell.angle_alpha   90.000
_cell.angle_beta   90.000
_cell.angle_gamma   90.000
#
_symmetry.space_group_name_H-M   'P 43 21 2'
#
loop_
_entity.id
_entity.type
_entity.pdbx_description
1 polymer 'Retinoic acid receptor RXR-alpha'
2 polymer 'Nuclear receptor coactivator 2'
3 non-polymer '6-[ethyl-[3-(2-methoxyethoxy)-4-propan-2-yl-phenyl]amino]pyridine-3-carboxylic acid'
4 non-polymer 1,2-ETHANEDIOL
5 water water
#
loop_
_entity_poly.entity_id
_entity_poly.type
_entity_poly.pdbx_seq_one_letter_code
_entity_poly.pdbx_strand_id
1 'polypeptide(L)'
;GSSHSSANEDMPVERILEAELAVEPKTETYVEANMGLNPSSPNDPVTNICQAADKQLFTLVEWAKRIPHFSELPLDDQVI
LLRAGWNELLIASFSHRSIAVKDGILLATGLHVHRNSAHSAGVGAIFDRVLTELVSKMRDMQMDKTELGCLRAIVLFNPD
SKGLSNPAEVEALREKVYASLEAYCKHKYPEQPGRFAKLLLRLPALRSIGLKCLEHLFFFKLIGDTPIDTFLMEMLEAPH
QMT
;
A
2 'polypeptide(L)' KHKILHRLLQDSS B
#
# COMPACT_ATOMS: atom_id res chain seq x y z
N ASN A 8 18.63 12.86 -4.55
CA ASN A 8 17.77 12.46 -5.70
C ASN A 8 18.55 11.58 -6.65
N GLU A 9 19.87 11.75 -6.67
CA GLU A 9 20.81 11.02 -7.58
C GLU A 9 20.60 9.49 -7.59
N ASP A 10 20.78 8.75 -6.49
CA ASP A 10 20.61 7.28 -6.62
C ASP A 10 19.16 6.81 -6.38
N MET A 11 18.30 7.68 -5.86
CA MET A 11 16.87 7.31 -5.68
C MET A 11 16.02 8.47 -6.20
N PRO A 12 15.89 8.69 -7.53
CA PRO A 12 15.18 9.87 -8.03
C PRO A 12 13.68 9.79 -7.81
N VAL A 13 13.11 10.86 -7.23
CA VAL A 13 11.66 10.93 -7.04
C VAL A 13 10.93 10.88 -8.37
N GLU A 14 11.55 11.35 -9.45
CA GLU A 14 10.89 11.27 -10.75
C GLU A 14 10.58 9.83 -11.13
N ARG A 15 11.48 8.90 -10.79
CA ARG A 15 11.24 7.50 -11.12
C ARG A 15 10.17 6.89 -10.21
N ILE A 16 10.13 7.32 -8.95
CA ILE A 16 9.09 6.83 -8.05
C ILE A 16 7.72 7.32 -8.50
N LEU A 17 7.63 8.60 -8.89
CA LEU A 17 6.39 9.09 -9.48
C LEU A 17 6.02 8.30 -10.73
N GLU A 18 6.99 8.05 -11.61
CA GLU A 18 6.68 7.28 -12.81
C GLU A 18 6.10 5.93 -12.47
N ALA A 19 6.57 5.33 -11.37
CA ALA A 19 6.07 4.02 -10.96
C ALA A 19 4.60 4.12 -10.56
N GLU A 20 4.26 5.15 -9.80
CA GLU A 20 2.87 5.41 -9.45
C GLU A 20 2.02 5.61 -10.69
N LEU A 21 2.49 6.44 -11.63
CA LEU A 21 1.64 6.78 -12.77
C LEU A 21 1.49 5.60 -13.72
N ALA A 22 2.46 4.69 -13.73
CA ALA A 22 2.41 3.57 -14.67
C ALA A 22 1.34 2.56 -14.27
N VAL A 23 1.06 2.42 -12.97
CA VAL A 23 0.17 1.37 -12.48
C VAL A 23 -1.18 1.88 -12.06
N GLU A 24 -1.37 3.20 -11.93
CA GLU A 24 -2.55 3.75 -11.28
C GLU A 24 -3.19 4.77 -12.21
N PRO A 25 -4.26 4.40 -12.92
CA PRO A 25 -4.93 5.24 -13.92
C PRO A 25 -5.62 6.46 -13.30
N TYR A 30 -17.16 5.51 -11.54
CA TYR A 30 -17.40 4.55 -10.45
C TYR A 30 -18.87 4.23 -10.30
N VAL A 31 -19.16 2.99 -9.93
CA VAL A 31 -20.50 2.62 -9.53
C VAL A 31 -20.40 1.91 -8.19
N GLU A 32 -21.47 2.00 -7.40
CA GLU A 32 -21.47 1.32 -6.11
C GLU A 32 -21.30 -0.18 -6.29
N ALA A 33 -20.52 -0.79 -5.41
CA ALA A 33 -20.27 -2.23 -5.49
C ALA A 33 -21.57 -3.03 -5.44
N ASP A 44 -22.44 -8.83 -1.34
CA ASP A 44 -21.44 -8.67 -0.29
C ASP A 44 -20.31 -7.76 -0.78
N PRO A 45 -20.34 -6.49 -0.38
CA PRO A 45 -19.22 -5.57 -0.67
C PRO A 45 -17.86 -6.15 -0.32
N VAL A 46 -17.79 -6.97 0.73
CA VAL A 46 -16.50 -7.52 1.14
C VAL A 46 -15.93 -8.43 0.04
N THR A 47 -16.79 -9.17 -0.65
CA THR A 47 -16.29 -9.97 -1.77
C THR A 47 -15.68 -9.07 -2.85
N ASN A 48 -16.35 -7.96 -3.18
CA ASN A 48 -15.81 -7.03 -4.17
C ASN A 48 -14.49 -6.44 -3.70
N ILE A 49 -14.41 -6.10 -2.41
CA ILE A 49 -13.18 -5.53 -1.88
C ILE A 49 -12.05 -6.54 -2.00
N CYS A 50 -12.33 -7.82 -1.68
CA CYS A 50 -11.29 -8.84 -1.79
C CYS A 50 -10.91 -9.12 -3.23
N GLN A 51 -11.86 -9.02 -4.17
CA GLN A 51 -11.52 -9.21 -5.58
C GLN A 51 -10.56 -8.12 -6.06
N ALA A 52 -10.81 -6.89 -5.62
CA ALA A 52 -9.95 -5.77 -6.00
C ALA A 52 -8.56 -5.92 -5.39
N ALA A 53 -8.49 -6.41 -4.14
CA ALA A 53 -7.17 -6.66 -3.54
C ALA A 53 -6.38 -7.69 -4.34
N ASP A 54 -7.03 -8.77 -4.75
CA ASP A 54 -6.32 -9.77 -5.53
C ASP A 54 -5.81 -9.18 -6.85
N LYS A 55 -6.68 -8.44 -7.55
CA LYS A 55 -6.27 -7.75 -8.78
C LYS A 55 -5.07 -6.86 -8.53
N GLN A 56 -5.10 -6.11 -7.43
CA GLN A 56 -4.02 -5.16 -7.21
C GLN A 56 -2.73 -5.80 -6.73
N LEU A 57 -2.74 -7.07 -6.31
CA LEU A 57 -1.47 -7.72 -5.98
C LEU A 57 -0.63 -7.91 -7.24
N PHE A 58 -1.28 -8.23 -8.36
CA PHE A 58 -0.56 -8.31 -9.63
C PHE A 58 0.04 -6.97 -9.99
N THR A 59 -0.75 -5.92 -9.84
CA THR A 59 -0.27 -4.58 -10.15
C THR A 59 0.87 -4.18 -9.23
N LEU A 60 0.81 -4.62 -7.97
CA LEU A 60 1.84 -4.25 -7.00
C LEU A 60 3.21 -4.77 -7.40
N VAL A 61 3.28 -6.01 -7.93
CA VAL A 61 4.56 -6.54 -8.37
C VAL A 61 5.14 -5.68 -9.50
N GLU A 62 4.28 -5.22 -10.42
CA GLU A 62 4.75 -4.35 -11.50
C GLU A 62 5.22 -3.01 -10.96
N TRP A 63 4.51 -2.47 -9.97
CA TRP A 63 4.95 -1.24 -9.33
C TRP A 63 6.32 -1.41 -8.70
N ALA A 64 6.52 -2.49 -7.94
CA ALA A 64 7.78 -2.65 -7.20
C ALA A 64 8.96 -2.77 -8.15
N LYS A 65 8.77 -3.45 -9.29
CA LYS A 65 9.85 -3.56 -10.27
C LYS A 65 10.30 -2.23 -10.82
N ARG A 66 9.43 -1.23 -10.79
CA ARG A 66 9.73 0.12 -11.27
C ARG A 66 10.36 1.02 -10.20
N ILE A 67 10.42 0.57 -8.95
CA ILE A 67 11.07 1.37 -7.91
C ILE A 67 12.58 1.15 -8.00
N PRO A 68 13.38 2.21 -8.06
CA PRO A 68 14.83 2.01 -8.28
C PRO A 68 15.45 1.01 -7.32
N HIS A 69 16.20 0.07 -7.88
CA HIS A 69 17.05 -0.90 -7.19
C HIS A 69 16.29 -2.06 -6.57
N PHE A 70 14.95 -2.04 -6.55
CA PHE A 70 14.24 -3.19 -5.99
C PHE A 70 14.57 -4.47 -6.74
N SER A 71 14.57 -4.41 -8.08
CA SER A 71 14.78 -5.61 -8.89
C SER A 71 16.20 -6.14 -8.78
N GLU A 72 17.11 -5.35 -8.23
CA GLU A 72 18.49 -5.78 -8.04
C GLU A 72 18.71 -6.56 -6.76
N LEU A 73 17.74 -6.57 -5.84
CA LEU A 73 17.84 -7.38 -4.64
C LEU A 73 17.74 -8.86 -5.01
N PRO A 74 18.25 -9.74 -4.16
CA PRO A 74 18.04 -11.18 -4.37
C PRO A 74 16.56 -11.48 -4.45
N LEU A 75 16.21 -12.43 -5.32
CA LEU A 75 14.81 -12.79 -5.49
C LEU A 75 14.13 -13.12 -4.16
N ASP A 76 14.83 -13.86 -3.28
CA ASP A 76 14.25 -14.23 -1.99
C ASP A 76 13.92 -12.99 -1.16
N ASP A 77 14.76 -11.95 -1.26
CA ASP A 77 14.50 -10.73 -0.51
C ASP A 77 13.36 -9.92 -1.12
N GLN A 78 13.25 -9.89 -2.47
CA GLN A 78 12.10 -9.28 -3.12
C GLN A 78 10.81 -9.92 -2.63
N VAL A 79 10.79 -11.25 -2.55
CA VAL A 79 9.62 -11.96 -2.05
C VAL A 79 9.33 -11.57 -0.60
N ILE A 80 10.36 -11.51 0.24
CA ILE A 80 10.18 -11.17 1.64
C ILE A 80 9.60 -9.77 1.78
N LEU A 81 10.15 -8.80 1.04
CA LEU A 81 9.67 -7.42 1.17
C LEU A 81 8.22 -7.28 0.71
N LEU A 82 7.86 -7.92 -0.39
CA LEU A 82 6.48 -7.82 -0.86
C LEU A 82 5.52 -8.58 0.05
N ARG A 83 5.91 -9.75 0.57
CA ARG A 83 5.03 -10.42 1.51
C ARG A 83 4.90 -9.63 2.81
N ALA A 84 5.93 -8.90 3.23
CA ALA A 84 5.83 -8.12 4.45
C ALA A 84 5.02 -6.84 4.26
N GLY A 85 4.99 -6.29 3.06
CA GLY A 85 4.44 -4.96 2.88
C GLY A 85 3.18 -4.83 2.05
N TRP A 86 2.73 -5.90 1.38
CA TRP A 86 1.68 -5.74 0.38
C TRP A 86 0.43 -5.10 0.96
N ASN A 87 0.03 -5.47 2.18
CA ASN A 87 -1.23 -4.93 2.67
C ASN A 87 -1.12 -3.42 2.95
N GLU A 88 -0.04 -2.98 3.58
CA GLU A 88 0.13 -1.54 3.76
C GLU A 88 0.27 -0.84 2.41
N LEU A 89 1.00 -1.46 1.46
CA LEU A 89 1.16 -0.83 0.15
C LEU A 89 -0.18 -0.64 -0.56
N LEU A 90 -1.03 -1.65 -0.52
CA LEU A 90 -2.32 -1.55 -1.19
C LEU A 90 -3.23 -0.56 -0.47
N ILE A 91 -3.21 -0.55 0.87
CA ILE A 91 -4.07 0.38 1.62
C ILE A 91 -3.67 1.82 1.33
N ALA A 92 -2.37 2.10 1.27
CA ALA A 92 -1.95 3.46 0.95
C ALA A 92 -2.49 3.89 -0.41
N SER A 93 -2.46 2.97 -1.38
CA SER A 93 -2.90 3.29 -2.73
C SER A 93 -4.40 3.55 -2.77
N PHE A 94 -5.23 2.66 -2.21
CA PHE A 94 -6.66 2.93 -2.36
C PHE A 94 -7.09 4.08 -1.47
N SER A 95 -6.36 4.35 -0.39
CA SER A 95 -6.71 5.49 0.44
C SER A 95 -6.46 6.78 -0.31
N HIS A 96 -5.32 6.87 -1.00
CA HIS A 96 -5.02 8.10 -1.73
C HIS A 96 -5.97 8.25 -2.91
N ARG A 97 -6.28 7.13 -3.59
CA ARG A 97 -7.26 7.16 -4.66
C ARG A 97 -8.59 7.71 -4.19
N SER A 98 -8.96 7.44 -2.93
CA SER A 98 -10.27 7.78 -2.41
C SER A 98 -10.41 9.23 -1.97
N ILE A 99 -9.35 10.04 -2.05
CA ILE A 99 -9.48 11.47 -1.74
C ILE A 99 -10.57 12.10 -2.58
N ALA A 100 -10.84 11.55 -3.75
CA ALA A 100 -11.77 12.13 -4.70
C ALA A 100 -13.24 11.98 -4.31
N VAL A 101 -13.58 11.17 -3.31
CA VAL A 101 -14.96 11.07 -2.82
C VAL A 101 -14.98 11.32 -1.31
N LYS A 102 -16.18 11.60 -0.79
CA LYS A 102 -16.26 11.98 0.62
C LYS A 102 -16.74 10.87 1.53
N ASP A 103 -17.49 9.92 1.02
CA ASP A 103 -18.17 8.98 1.90
C ASP A 103 -17.92 7.54 1.47
N GLY A 104 -16.75 7.25 0.90
CA GLY A 104 -16.54 5.93 0.33
C GLY A 104 -15.08 5.64 0.05
N ILE A 105 -14.83 4.39 -0.32
CA ILE A 105 -13.53 3.96 -0.83
C ILE A 105 -13.67 3.61 -2.30
N LEU A 106 -12.67 4.00 -3.10
CA LEU A 106 -12.64 3.71 -4.54
C LEU A 106 -11.77 2.50 -4.78
N LEU A 107 -12.36 1.42 -5.28
CA LEU A 107 -11.64 0.20 -5.57
C LEU A 107 -11.01 0.31 -6.95
N ALA A 108 -9.93 -0.42 -7.16
CA ALA A 108 -9.24 -0.41 -8.45
C ALA A 108 -10.06 -1.01 -9.58
N THR A 109 -11.10 -1.77 -9.26
CA THR A 109 -12.02 -2.37 -10.22
C THR A 109 -13.07 -1.40 -10.73
N GLY A 110 -13.00 -0.13 -10.38
CA GLY A 110 -14.02 0.83 -10.79
C GLY A 110 -15.26 0.84 -9.94
N LEU A 111 -15.22 0.26 -8.76
CA LEU A 111 -16.36 0.20 -7.87
C LEU A 111 -16.12 1.08 -6.66
N HIS A 112 -17.19 1.71 -6.19
CA HIS A 112 -17.17 2.54 -4.99
C HIS A 112 -17.84 1.75 -3.88
N VAL A 113 -17.26 1.78 -2.67
CA VAL A 113 -17.90 1.19 -1.51
C VAL A 113 -18.25 2.34 -0.58
N HIS A 114 -19.54 2.57 -0.41
CA HIS A 114 -20.02 3.65 0.43
C HIS A 114 -19.86 3.26 1.90
N ARG A 115 -19.65 4.27 2.74
CA ARG A 115 -19.66 4.05 4.19
C ARG A 115 -20.82 3.16 4.63
N ASN A 116 -22.03 3.46 4.13
CA ASN A 116 -23.19 2.70 4.55
C ASN A 116 -23.10 1.25 4.10
N SER A 117 -22.51 1.04 2.93
CA SER A 117 -22.35 -0.32 2.43
CA SER A 117 -22.36 -0.32 2.44
C SER A 117 -21.34 -1.09 3.25
N ALA A 118 -20.22 -0.46 3.60
CA ALA A 118 -19.22 -1.12 4.43
C ALA A 118 -19.79 -1.45 5.80
N HIS A 119 -20.52 -0.51 6.41
CA HIS A 119 -21.10 -0.79 7.72
C HIS A 119 -22.13 -1.89 7.64
N SER A 120 -22.94 -1.90 6.59
CA SER A 120 -23.96 -2.93 6.46
C SER A 120 -23.39 -4.32 6.14
N ALA A 121 -22.10 -4.41 5.83
CA ALA A 121 -21.48 -5.69 5.57
C ALA A 121 -20.65 -6.16 6.74
N GLY A 122 -20.62 -5.40 7.82
CA GLY A 122 -19.89 -5.82 9.00
C GLY A 122 -18.46 -5.31 9.10
N VAL A 123 -18.03 -4.43 8.20
CA VAL A 123 -16.66 -3.93 8.23
C VAL A 123 -16.65 -2.41 8.40
N GLY A 124 -17.63 -1.89 9.13
CA GLY A 124 -17.73 -0.45 9.33
C GLY A 124 -16.56 0.13 10.10
N ALA A 125 -16.09 -0.56 11.15
CA ALA A 125 -15.06 0.04 11.98
C ALA A 125 -13.75 0.24 11.22
N ILE A 126 -13.34 -0.74 10.41
CA ILE A 126 -12.08 -0.59 9.68
C ILE A 126 -12.26 0.41 8.54
N PHE A 127 -13.45 0.44 7.91
CA PHE A 127 -13.75 1.49 6.94
C PHE A 127 -13.55 2.88 7.56
N ASP A 128 -14.12 3.09 8.74
CA ASP A 128 -14.02 4.39 9.39
C ASP A 128 -12.57 4.76 9.69
N ARG A 129 -11.76 3.78 10.16
CA ARG A 129 -10.35 4.09 10.40
C ARG A 129 -9.65 4.51 9.12
N VAL A 130 -9.94 3.84 8.00
CA VAL A 130 -9.32 4.21 6.73
C VAL A 130 -9.67 5.65 6.38
N LEU A 131 -10.95 6.02 6.48
CA LEU A 131 -11.31 7.38 6.10
C LEU A 131 -10.77 8.41 7.08
N THR A 132 -10.80 8.13 8.39
CA THR A 132 -10.44 9.15 9.38
C THR A 132 -8.94 9.30 9.53
N GLU A 133 -8.19 8.19 9.52
CA GLU A 133 -6.75 8.27 9.75
C GLU A 133 -5.93 8.39 8.47
N LEU A 134 -6.47 7.97 7.33
CA LEU A 134 -5.70 8.00 6.08
C LEU A 134 -6.33 8.93 5.04
N VAL A 135 -7.53 8.63 4.51
CA VAL A 135 -8.06 9.40 3.39
C VAL A 135 -8.19 10.87 3.75
N SER A 136 -8.85 11.16 4.87
CA SER A 136 -9.10 12.56 5.21
C SER A 136 -7.82 13.32 5.47
N LYS A 137 -6.82 12.64 6.03
CA LYS A 137 -5.56 13.32 6.32
C LYS A 137 -4.75 13.54 5.05
N MET A 138 -4.80 12.57 4.12
CA MET A 138 -4.17 12.78 2.82
C MET A 138 -4.82 13.94 2.10
N ARG A 139 -6.14 14.02 2.17
CA ARG A 139 -6.86 15.14 1.56
C ARG A 139 -6.51 16.47 2.22
N ASP A 140 -6.54 16.50 3.56
CA ASP A 140 -6.28 17.74 4.30
C ASP A 140 -4.95 18.37 3.92
N MET A 141 -3.90 17.56 3.78
CA MET A 141 -2.58 18.08 3.45
C MET A 141 -2.30 18.06 1.96
N GLN A 142 -3.26 17.61 1.14
CA GLN A 142 -3.09 17.50 -0.30
C GLN A 142 -1.83 16.72 -0.63
N MET A 143 -1.68 15.56 0.01
CA MET A 143 -0.56 14.69 -0.30
C MET A 143 -0.54 14.41 -1.79
N ASP A 144 0.62 14.59 -2.43
CA ASP A 144 0.66 14.42 -3.87
C ASP A 144 1.18 13.03 -4.22
N LYS A 145 1.18 12.71 -5.52
CA LYS A 145 1.51 11.35 -5.93
C LYS A 145 2.98 11.02 -5.74
N THR A 146 3.87 12.02 -5.83
CA THR A 146 5.28 11.77 -5.55
C THR A 146 5.47 11.41 -4.08
N GLU A 147 4.76 12.12 -3.21
CA GLU A 147 4.86 11.84 -1.78
C GLU A 147 4.28 10.49 -1.45
N LEU A 148 3.13 10.17 -2.06
CA LEU A 148 2.55 8.84 -1.89
C LEU A 148 3.53 7.78 -2.33
N GLY A 149 4.08 7.92 -3.53
CA GLY A 149 5.01 6.92 -4.02
C GLY A 149 6.21 6.73 -3.10
N CYS A 150 6.75 7.84 -2.57
CA CYS A 150 7.90 7.76 -1.67
C CYS A 150 7.54 7.06 -0.37
N LEU A 151 6.37 7.38 0.20
CA LEU A 151 5.93 6.68 1.40
C LEU A 151 5.78 5.19 1.11
N ARG A 152 5.20 4.87 -0.02
CA ARG A 152 5.08 3.43 -0.39
C ARG A 152 6.47 2.80 -0.57
N ALA A 153 7.41 3.52 -1.19
CA ALA A 153 8.74 2.93 -1.33
C ALA A 153 9.41 2.74 0.02
N ILE A 154 9.20 3.66 0.98
CA ILE A 154 9.71 3.46 2.33
C ILE A 154 9.12 2.20 2.94
N VAL A 155 7.80 2.00 2.79
CA VAL A 155 7.16 0.79 3.31
C VAL A 155 7.73 -0.46 2.65
N LEU A 156 7.90 -0.41 1.32
CA LEU A 156 8.47 -1.54 0.58
C LEU A 156 9.83 -1.92 1.13
N PHE A 157 10.73 -0.94 1.29
CA PHE A 157 12.09 -1.18 1.77
C PHE A 157 12.07 -1.22 3.30
N ASN A 158 11.43 -2.27 3.83
CA ASN A 158 11.27 -2.43 5.28
C ASN A 158 12.41 -3.31 5.79
N PRO A 159 13.41 -2.73 6.46
CA PRO A 159 14.58 -3.52 6.89
C PRO A 159 14.32 -4.42 8.09
N ASP A 160 13.14 -4.32 8.71
CA ASP A 160 12.75 -5.18 9.81
C ASP A 160 12.11 -6.47 9.34
N SER A 161 11.87 -6.60 8.03
CA SER A 161 11.26 -7.81 7.49
C SER A 161 12.11 -9.01 7.84
N LYS A 162 11.48 -10.05 8.41
CA LYS A 162 12.27 -11.16 8.94
C LYS A 162 12.80 -12.04 7.81
N GLY A 163 14.06 -12.45 7.94
CA GLY A 163 14.64 -13.37 7.00
C GLY A 163 15.42 -12.75 5.87
N LEU A 164 15.50 -11.41 5.80
CA LEU A 164 16.26 -10.77 4.74
C LEU A 164 17.71 -11.20 4.76
N SER A 165 18.29 -11.37 3.56
CA SER A 165 19.67 -11.81 3.46
C SER A 165 20.63 -10.71 3.92
N ASN A 166 20.32 -9.45 3.63
CA ASN A 166 21.17 -8.33 4.01
C ASN A 166 20.30 -7.16 4.45
N PRO A 167 19.86 -7.16 5.71
CA PRO A 167 18.99 -6.07 6.17
C PRO A 167 19.62 -4.69 5.99
N ALA A 168 20.94 -4.56 6.19
CA ALA A 168 21.57 -3.25 6.04
C ALA A 168 21.41 -2.68 4.63
N GLU A 169 21.39 -3.54 3.60
CA GLU A 169 21.18 -3.04 2.25
C GLU A 169 19.78 -2.47 2.08
N VAL A 170 18.79 -3.11 2.71
CA VAL A 170 17.43 -2.58 2.64
C VAL A 170 17.31 -1.30 3.45
N GLU A 171 17.95 -1.25 4.61
CA GLU A 171 18.04 -0.02 5.38
C GLU A 171 18.59 1.12 4.52
N ALA A 172 19.66 0.83 3.77
CA ALA A 172 20.28 1.86 2.93
C ALA A 172 19.33 2.37 1.87
N LEU A 173 18.55 1.47 1.27
CA LEU A 173 17.60 1.89 0.24
C LEU A 173 16.48 2.73 0.84
N ARG A 174 15.97 2.33 2.02
CA ARG A 174 14.99 3.15 2.73
C ARG A 174 15.52 4.55 2.97
N GLU A 175 16.79 4.63 3.44
CA GLU A 175 17.40 5.93 3.71
C GLU A 175 17.50 6.76 2.44
N LYS A 176 17.80 6.13 1.31
CA LYS A 176 17.85 6.91 0.08
C LYS A 176 16.48 7.46 -0.29
N VAL A 177 15.42 6.67 -0.08
CA VAL A 177 14.07 7.17 -0.37
C VAL A 177 13.73 8.36 0.51
N TYR A 178 13.95 8.24 1.82
CA TYR A 178 13.45 9.33 2.66
C TYR A 178 14.33 10.57 2.52
N ALA A 179 15.61 10.41 2.17
CA ALA A 179 16.41 11.58 1.85
C ALA A 179 15.89 12.27 0.60
N SER A 180 15.52 11.49 -0.41
CA SER A 180 14.98 12.10 -1.63
C SER A 180 13.62 12.74 -1.36
N LEU A 181 12.79 12.09 -0.55
CA LEU A 181 11.49 12.66 -0.23
C LEU A 181 11.63 13.99 0.51
N GLU A 182 12.52 14.03 1.50
CA GLU A 182 12.69 15.28 2.24
C GLU A 182 13.15 16.41 1.32
N ALA A 183 14.11 16.14 0.43
CA ALA A 183 14.58 17.16 -0.50
C ALA A 183 13.45 17.61 -1.43
N TYR A 184 12.63 16.67 -1.89
CA TYR A 184 11.46 17.02 -2.70
C TYR A 184 10.52 17.92 -1.94
N CYS A 185 10.20 17.58 -0.68
CA CYS A 185 9.26 18.40 0.09
C CYS A 185 9.82 19.79 0.37
N LYS A 186 11.12 19.89 0.67
CA LYS A 186 11.72 21.18 0.96
C LYS A 186 11.75 22.07 -0.28
N HIS A 187 11.88 21.47 -1.46
CA HIS A 187 11.89 22.24 -2.70
C HIS A 187 10.48 22.65 -3.13
N LYS A 188 9.50 21.74 -3.03
CA LYS A 188 8.17 22.04 -3.54
C LYS A 188 7.28 22.72 -2.51
N TYR A 189 7.49 22.47 -1.23
CA TYR A 189 6.65 23.02 -0.16
C TYR A 189 7.53 23.66 0.91
N PRO A 190 8.36 24.64 0.54
CA PRO A 190 9.25 25.25 1.54
C PRO A 190 8.50 26.02 2.61
N GLU A 191 7.28 26.45 2.33
CA GLU A 191 6.46 27.14 3.30
C GLU A 191 5.89 26.21 4.37
N GLN A 192 6.10 24.89 4.24
CA GLN A 192 5.58 23.90 5.19
C GLN A 192 6.76 23.11 5.74
N PRO A 193 7.47 23.64 6.73
CA PRO A 193 8.68 22.94 7.19
C PRO A 193 8.38 21.61 7.86
N GLY A 194 7.20 21.43 8.41
CA GLY A 194 6.83 20.17 9.04
C GLY A 194 6.25 19.13 8.11
N ARG A 195 6.23 19.38 6.80
CA ARG A 195 5.50 18.48 5.89
C ARG A 195 6.13 17.09 5.84
N PHE A 196 7.45 17.02 5.75
CA PHE A 196 8.12 15.72 5.67
C PHE A 196 7.79 14.85 6.89
N ALA A 197 7.89 15.43 8.09
CA ALA A 197 7.51 14.67 9.29
C ALA A 197 6.03 14.29 9.26
N LYS A 198 5.17 15.19 8.80
CA LYS A 198 3.74 14.88 8.74
C LYS A 198 3.48 13.67 7.85
N LEU A 199 4.18 13.58 6.72
CA LEU A 199 4.05 12.41 5.87
C LEU A 199 4.48 11.14 6.61
N LEU A 200 5.69 11.17 7.21
CA LEU A 200 6.19 9.96 7.86
C LEU A 200 5.29 9.55 9.00
N LEU A 201 4.66 10.50 9.67
CA LEU A 201 3.83 10.21 10.83
C LEU A 201 2.44 9.70 10.46
N ARG A 202 2.15 9.45 9.19
CA ARG A 202 1.00 8.61 8.86
C ARG A 202 1.36 7.13 8.80
N LEU A 203 2.65 6.78 8.87
CA LEU A 203 3.01 5.37 8.75
C LEU A 203 2.63 4.51 9.96
N PRO A 204 2.62 5.02 11.20
CA PRO A 204 2.07 4.17 12.27
C PRO A 204 0.60 3.84 12.07
N ALA A 205 -0.22 4.81 11.66
CA ALA A 205 -1.62 4.50 11.35
C ALA A 205 -1.72 3.47 10.21
N LEU A 206 -0.92 3.64 9.16
CA LEU A 206 -0.93 2.67 8.07
C LEU A 206 -0.57 1.27 8.56
N ARG A 207 0.40 1.18 9.47
CA ARG A 207 0.77 -0.12 10.04
C ARG A 207 -0.39 -0.75 10.81
N SER A 208 -1.03 0.03 11.70
CA SER A 208 -2.18 -0.45 12.47
CA SER A 208 -2.14 -0.51 12.46
C SER A 208 -3.30 -0.93 11.56
N ILE A 209 -3.65 -0.09 10.58
CA ILE A 209 -4.78 -0.42 9.72
C ILE A 209 -4.43 -1.62 8.84
N GLY A 210 -3.16 -1.74 8.41
CA GLY A 210 -2.76 -2.94 7.70
C GLY A 210 -2.90 -4.19 8.55
N LEU A 211 -2.50 -4.12 9.82
CA LEU A 211 -2.63 -5.29 10.68
C LEU A 211 -4.09 -5.68 10.88
N LYS A 212 -4.96 -4.68 11.03
CA LYS A 212 -6.38 -4.96 11.22
C LYS A 212 -6.99 -5.56 9.97
N CYS A 213 -6.61 -5.05 8.79
CA CYS A 213 -7.10 -5.62 7.54
CA CYS A 213 -7.13 -5.63 7.55
C CYS A 213 -6.69 -7.08 7.42
N LEU A 214 -5.44 -7.40 7.78
CA LEU A 214 -4.98 -8.78 7.73
C LEU A 214 -5.78 -9.67 8.67
N GLU A 215 -6.08 -9.17 9.87
CA GLU A 215 -6.90 -9.92 10.82
C GLU A 215 -8.26 -10.27 10.20
N HIS A 216 -8.91 -9.29 9.57
CA HIS A 216 -10.17 -9.54 8.90
C HIS A 216 -10.02 -10.62 7.83
N LEU A 217 -9.01 -10.47 6.98
CA LEU A 217 -8.81 -11.44 5.89
C LEU A 217 -8.60 -12.85 6.42
N PHE A 218 -7.84 -13.00 7.51
CA PHE A 218 -7.67 -14.36 8.04
C PHE A 218 -8.98 -14.91 8.56
N PHE A 219 -9.81 -14.06 9.17
CA PHE A 219 -11.12 -14.51 9.61
C PHE A 219 -12.01 -14.89 8.44
N PHE A 220 -12.01 -14.07 7.37
CA PHE A 220 -12.80 -14.41 6.19
C PHE A 220 -12.38 -15.77 5.65
N LYS A 221 -11.08 -16.01 5.58
CA LYS A 221 -10.56 -17.29 5.13
C LYS A 221 -11.03 -18.41 6.05
N LEU A 222 -11.00 -18.18 7.35
CA LEU A 222 -11.39 -19.22 8.31
C LEU A 222 -12.87 -19.59 8.17
N ILE A 223 -13.75 -18.59 8.11
CA ILE A 223 -15.19 -18.87 8.05
C ILE A 223 -15.57 -19.49 6.71
N GLY A 224 -14.91 -19.08 5.64
CA GLY A 224 -15.07 -19.74 4.35
C GLY A 224 -16.25 -19.28 3.53
N ASP A 225 -16.91 -18.19 3.90
CA ASP A 225 -18.09 -17.74 3.20
C ASP A 225 -17.82 -16.59 2.25
N THR A 226 -16.55 -16.27 2.02
CA THR A 226 -16.14 -15.11 1.23
C THR A 226 -15.10 -15.59 0.23
N PRO A 227 -15.41 -15.55 -1.07
CA PRO A 227 -14.41 -15.94 -2.07
C PRO A 227 -13.13 -15.14 -1.91
N ILE A 228 -11.99 -15.85 -1.96
CA ILE A 228 -10.68 -15.25 -1.87
C ILE A 228 -9.84 -15.82 -3.01
N ASP A 229 -9.39 -14.97 -3.91
CA ASP A 229 -8.79 -15.42 -5.15
C ASP A 229 -7.33 -15.82 -4.91
N THR A 230 -6.66 -16.35 -5.95
CA THR A 230 -5.45 -17.16 -5.73
C THR A 230 -4.29 -16.36 -5.18
N PHE A 231 -4.08 -15.12 -5.65
CA PHE A 231 -2.89 -14.42 -5.19
C PHE A 231 -3.10 -13.89 -3.77
N LEU A 232 -4.29 -13.35 -3.51
CA LEU A 232 -4.62 -12.97 -2.14
C LEU A 232 -4.51 -14.17 -1.21
N MET A 233 -5.02 -15.33 -1.63
CA MET A 233 -4.90 -16.53 -0.82
C MET A 233 -3.44 -16.89 -0.56
N GLU A 234 -2.58 -16.78 -1.59
CA GLU A 234 -1.17 -17.10 -1.42
C GLU A 234 -0.51 -16.17 -0.40
N MET A 235 -0.89 -14.90 -0.39
CA MET A 235 -0.33 -13.98 0.61
C MET A 235 -0.79 -14.32 2.02
N LEU A 236 -1.89 -15.04 2.18
CA LEU A 236 -2.36 -15.49 3.49
C LEU A 236 -1.76 -16.83 3.90
N GLU A 237 -0.87 -17.41 3.11
CA GLU A 237 -0.16 -18.62 3.52
C GLU A 237 0.90 -18.31 4.57
N ALA A 238 1.23 -19.32 5.37
CA ALA A 238 2.39 -19.20 6.27
C ALA A 238 3.66 -19.07 5.44
N PRO A 239 4.70 -18.39 5.97
CA PRO A 239 4.75 -17.69 7.26
C PRO A 239 4.16 -16.28 7.18
N LYS B 1 7.36 -22.65 -2.20
CA LYS B 1 6.32 -21.76 -1.67
C LYS B 1 6.25 -20.46 -2.46
N HIS B 2 5.16 -19.72 -2.26
CA HIS B 2 4.97 -18.41 -2.90
C HIS B 2 5.07 -18.53 -4.42
N LYS B 3 4.30 -19.47 -4.97
CA LYS B 3 4.43 -19.82 -6.38
C LYS B 3 4.09 -18.66 -7.31
N ILE B 4 2.97 -17.98 -7.08
CA ILE B 4 2.56 -16.91 -7.99
C ILE B 4 3.52 -15.73 -7.90
N LEU B 5 3.87 -15.34 -6.69
CA LEU B 5 4.76 -14.19 -6.51
C LEU B 5 6.11 -14.43 -7.20
N HIS B 6 6.69 -15.62 -7.04
CA HIS B 6 7.96 -15.90 -7.69
C HIS B 6 7.82 -15.79 -9.21
N ARG B 7 6.76 -16.36 -9.78
CA ARG B 7 6.58 -16.31 -11.22
C ARG B 7 6.49 -14.88 -11.72
N LEU B 8 5.77 -14.02 -10.99
CA LEU B 8 5.58 -12.65 -11.45
C LEU B 8 6.84 -11.83 -11.28
N LEU B 9 7.69 -12.18 -10.32
CA LEU B 9 8.93 -11.43 -10.17
C LEU B 9 9.94 -11.78 -11.25
N GLN B 10 9.78 -12.92 -11.92
CA GLN B 10 10.67 -13.32 -13.01
C GLN B 10 10.59 -12.31 -14.14
#